data_1I5A
#
_entry.id   1I5A
#
_cell.length_a   40.870
_cell.length_b   48.730
_cell.length_c   87.020
_cell.angle_alpha   90.00
_cell.angle_beta   95.10
_cell.angle_gamma   90.00
#
_symmetry.space_group_name_H-M   'P 1 21 1'
#
loop_
_entity.id
_entity.type
_entity.pdbx_description
1 polymer 'CHEMOTAXIS PROTEIN CHEA'
2 non-polymer 'MANGANESE (II) ION'
3 non-polymer 'PHOSPHOMETHYLPHOSPHONIC ACID ADENYLATE ESTER'
4 water water
#
_entity_poly.entity_id   1
_entity_poly.type   'polypeptide(L)'
_entity_poly.pdbx_seq_one_letter_code
;GSHMVPISFVFNRFPRMVRDLAKKMNKEVNFIMRGEDTELDRTFVEEIGEPLLHLLRNAIDHGIEPKEERIAKGKPPIGT
LILSARHEGNNVVIEVEDDGRGIDKEKIIRKAIEKGLIDESKAATLSDQEILNFLFVPGFSTKEKVSEVSGRGVGMDVVK
NVVESLNGSISIESEKDKGTKVTIRLPLT
;
_entity_poly.pdbx_strand_id   A,B
#
loop_
_chem_comp.id
_chem_comp.type
_chem_comp.name
_chem_comp.formula
ACP non-polymer 'PHOSPHOMETHYLPHOSPHONIC ACID ADENYLATE ESTER' 'C11 H18 N5 O12 P3'
MN non-polymer 'MANGANESE (II) ION' 'Mn 2'
#
# COMPACT_ATOMS: atom_id res chain seq x y z
N GLY A 1 18.93 20.17 -3.44
CA GLY A 1 18.71 18.84 -2.83
C GLY A 1 19.88 18.37 -1.95
N SER A 2 19.54 17.96 -0.73
CA SER A 2 20.47 17.45 0.28
C SER A 2 21.25 16.14 0.03
N HIS A 3 20.54 15.01 0.04
CA HIS A 3 21.19 13.71 -0.15
C HIS A 3 20.87 13.12 -1.51
N MET A 4 21.36 13.81 -2.55
CA MET A 4 21.17 13.37 -3.93
C MET A 4 22.05 12.15 -4.23
N VAL A 5 21.52 11.26 -5.06
CA VAL A 5 22.23 10.07 -5.49
C VAL A 5 21.68 9.66 -6.86
N PRO A 6 22.55 9.14 -7.75
CA PRO A 6 22.06 8.74 -9.08
C PRO A 6 20.95 7.68 -8.99
N ILE A 7 19.96 7.81 -9.87
CA ILE A 7 18.84 6.89 -9.88
C ILE A 7 19.31 5.49 -10.27
N SER A 8 20.56 5.40 -10.70
CA SER A 8 21.14 4.12 -11.08
C SER A 8 21.16 3.19 -9.88
N PHE A 9 21.13 3.76 -8.67
CA PHE A 9 21.13 2.95 -7.46
C PHE A 9 19.90 2.08 -7.37
N VAL A 10 18.87 2.43 -8.13
CA VAL A 10 17.64 1.64 -8.15
C VAL A 10 17.42 1.00 -9.53
N PHE A 11 17.87 1.68 -10.58
CA PHE A 11 17.73 1.19 -11.95
C PHE A 11 18.53 -0.07 -12.31
N ASN A 12 19.82 -0.08 -11.98
CA ASN A 12 20.67 -1.22 -12.33
C ASN A 12 20.19 -2.61 -11.92
N ARG A 13 19.22 -2.69 -11.01
CA ARG A 13 18.70 -3.98 -10.57
C ARG A 13 17.60 -4.51 -11.47
N PHE A 14 17.11 -3.69 -12.40
CA PHE A 14 16.01 -4.09 -13.28
C PHE A 14 16.31 -4.96 -14.50
N PRO A 15 17.47 -4.81 -15.13
CA PRO A 15 17.74 -5.64 -16.30
C PRO A 15 17.60 -7.14 -16.01
N ARG A 16 18.14 -7.57 -14.88
CA ARG A 16 18.06 -8.98 -14.47
C ARG A 16 16.61 -9.37 -14.23
N MET A 17 15.90 -8.55 -13.46
CA MET A 17 14.50 -8.82 -13.14
C MET A 17 13.64 -8.88 -14.40
N VAL A 18 13.88 -7.95 -15.33
CA VAL A 18 13.12 -7.90 -16.58
C VAL A 18 13.32 -9.15 -17.43
N ARG A 19 14.58 -9.56 -17.60
CA ARG A 19 14.89 -10.74 -18.39
C ARG A 19 14.23 -11.98 -17.81
N ASP A 20 14.34 -12.16 -16.50
CA ASP A 20 13.74 -13.33 -15.87
C ASP A 20 12.22 -13.32 -15.98
N LEU A 21 11.62 -12.14 -15.82
CA LEU A 21 10.18 -12.00 -15.94
C LEU A 21 9.75 -12.37 -17.35
N ALA A 22 10.49 -11.84 -18.34
CA ALA A 22 10.19 -12.11 -19.74
C ALA A 22 10.29 -13.60 -20.05
N LYS A 23 11.28 -14.25 -19.47
CA LYS A 23 11.48 -15.68 -19.68
C LYS A 23 10.35 -16.49 -19.06
N LYS A 24 9.97 -16.13 -17.85
CA LYS A 24 8.90 -16.83 -17.16
C LYS A 24 7.55 -16.68 -17.85
N MET A 25 7.30 -15.51 -18.44
CA MET A 25 6.04 -15.24 -19.13
C MET A 25 6.10 -15.50 -20.63
N ASN A 26 7.20 -16.08 -21.08
CA ASN A 26 7.40 -16.40 -22.48
C ASN A 26 7.18 -15.19 -23.38
N LYS A 27 7.86 -14.09 -23.04
CA LYS A 27 7.77 -12.86 -23.80
C LYS A 27 9.17 -12.49 -24.29
N GLU A 28 9.22 -11.85 -25.46
CA GLU A 28 10.47 -11.43 -26.05
C GLU A 28 10.48 -9.91 -25.91
N VAL A 29 11.42 -9.38 -25.13
CA VAL A 29 11.48 -7.93 -24.94
C VAL A 29 12.87 -7.33 -24.80
N ASN A 30 13.09 -6.26 -25.55
CA ASN A 30 14.35 -5.53 -25.50
C ASN A 30 14.13 -4.46 -24.45
N PHE A 31 14.95 -4.46 -23.41
CA PHE A 31 14.81 -3.50 -22.33
C PHE A 31 15.82 -2.35 -22.45
N ILE A 32 15.31 -1.13 -22.49
CA ILE A 32 16.16 0.06 -22.60
C ILE A 32 16.01 1.00 -21.39
N MET A 33 17.14 1.38 -20.78
CA MET A 33 17.12 2.29 -19.65
C MET A 33 17.80 3.61 -20.03
N ARG A 34 17.21 4.72 -19.61
CA ARG A 34 17.74 6.04 -19.94
C ARG A 34 17.76 6.98 -18.74
N GLY A 35 18.74 7.89 -18.72
CA GLY A 35 18.83 8.86 -17.65
C GLY A 35 19.23 8.24 -16.33
N GLU A 36 19.99 7.15 -16.39
CA GLU A 36 20.44 6.46 -15.20
C GLU A 36 21.34 7.33 -14.33
N ASP A 37 21.80 8.45 -14.88
CA ASP A 37 22.65 9.35 -14.14
C ASP A 37 21.86 10.52 -13.55
N THR A 38 20.54 10.40 -13.55
CA THR A 38 19.67 11.44 -13.00
C THR A 38 19.71 11.38 -11.47
N GLU A 39 20.01 12.51 -10.84
CA GLU A 39 20.09 12.55 -9.38
C GLU A 39 18.73 12.85 -8.75
N LEU A 40 18.45 12.23 -7.61
CA LEU A 40 17.20 12.46 -6.89
C LEU A 40 17.41 12.09 -5.43
N ASP A 41 16.54 12.61 -4.56
CA ASP A 41 16.62 12.34 -3.14
C ASP A 41 16.79 10.84 -2.87
N ARG A 42 17.75 10.50 -2.01
CA ARG A 42 18.01 9.11 -1.72
C ARG A 42 16.79 8.38 -1.15
N THR A 43 15.93 9.11 -0.44
CA THR A 43 14.72 8.48 0.12
C THR A 43 13.85 7.94 -1.00
N PHE A 44 13.71 8.72 -2.08
CA PHE A 44 12.91 8.30 -3.22
C PHE A 44 13.54 7.05 -3.83
N VAL A 45 14.84 7.09 -4.01
CA VAL A 45 15.58 5.97 -4.59
C VAL A 45 15.28 4.68 -3.83
N GLU A 46 15.21 4.79 -2.51
CA GLU A 46 14.96 3.65 -1.64
C GLU A 46 13.48 3.24 -1.57
N GLU A 47 12.58 4.05 -2.12
CA GLU A 47 11.15 3.75 -2.08
C GLU A 47 10.51 3.49 -3.44
N ILE A 48 11.09 4.07 -4.49
CA ILE A 48 10.55 3.95 -5.84
C ILE A 48 10.79 2.59 -6.51
N GLY A 49 11.63 1.75 -5.91
CA GLY A 49 11.92 0.45 -6.49
C GLY A 49 10.73 -0.47 -6.67
N GLU A 50 9.99 -0.70 -5.59
CA GLU A 50 8.82 -1.57 -5.64
C GLU A 50 7.81 -1.15 -6.72
N PRO A 51 7.46 0.15 -6.75
CA PRO A 51 6.51 0.71 -7.73
C PRO A 51 6.94 0.50 -9.16
N LEU A 52 8.19 0.84 -9.46
CA LEU A 52 8.72 0.67 -10.81
C LEU A 52 8.69 -0.79 -11.23
N LEU A 53 9.11 -1.69 -10.34
CA LEU A 53 9.11 -3.10 -10.68
C LEU A 53 7.72 -3.55 -11.06
N HIS A 54 6.70 -3.03 -10.36
CA HIS A 54 5.34 -3.41 -10.68
C HIS A 54 4.90 -2.90 -12.03
N LEU A 55 5.30 -1.68 -12.37
CA LEU A 55 4.92 -1.13 -13.67
C LEU A 55 5.62 -1.93 -14.77
N LEU A 56 6.87 -2.31 -14.52
CA LEU A 56 7.64 -3.10 -15.47
C LEU A 56 6.97 -4.45 -15.67
N ARG A 57 6.58 -5.09 -14.57
CA ARG A 57 5.91 -6.38 -14.65
C ARG A 57 4.59 -6.24 -15.41
N ASN A 58 3.85 -5.16 -15.13
CA ASN A 58 2.58 -4.96 -15.84
C ASN A 58 2.83 -4.91 -17.34
N ALA A 59 3.85 -4.17 -17.74
CA ALA A 59 4.18 -4.03 -19.14
C ALA A 59 4.52 -5.38 -19.79
N ILE A 60 5.30 -6.19 -19.08
CA ILE A 60 5.72 -7.50 -19.60
C ILE A 60 4.57 -8.50 -19.66
N ASP A 61 3.65 -8.41 -18.70
CA ASP A 61 2.49 -9.30 -18.63
C ASP A 61 1.33 -8.86 -19.51
N HIS A 62 0.73 -7.73 -19.18
CA HIS A 62 -0.41 -7.18 -19.90
C HIS A 62 -0.08 -6.40 -21.16
N GLY A 63 1.13 -5.91 -21.24
CA GLY A 63 1.50 -5.11 -22.40
C GLY A 63 2.07 -5.87 -23.58
N ILE A 64 3.34 -6.22 -23.49
CA ILE A 64 4.01 -6.93 -24.58
C ILE A 64 3.38 -8.28 -24.91
N GLU A 65 3.02 -8.45 -26.18
CA GLU A 65 2.40 -9.70 -26.63
C GLU A 65 3.47 -10.72 -26.97
N PRO A 66 3.14 -12.02 -26.87
CA PRO A 66 4.10 -13.08 -27.19
C PRO A 66 4.63 -12.80 -28.60
N LYS A 67 5.86 -13.21 -28.89
CA LYS A 67 6.42 -12.95 -30.22
C LYS A 67 5.49 -13.40 -31.35
N GLU A 68 4.97 -14.63 -31.27
CA GLU A 68 4.08 -15.14 -32.32
C GLU A 68 2.87 -14.25 -32.57
N GLU A 69 2.36 -13.63 -31.51
CA GLU A 69 1.20 -12.76 -31.66
C GLU A 69 1.57 -11.45 -32.33
N ARG A 70 2.70 -10.88 -31.93
CA ARG A 70 3.15 -9.62 -32.52
C ARG A 70 3.36 -9.82 -34.02
N ILE A 71 3.90 -10.97 -34.38
CA ILE A 71 4.14 -11.30 -35.77
C ILE A 71 2.82 -11.37 -36.52
N ALA A 72 1.89 -12.15 -35.98
CA ALA A 72 0.57 -12.29 -36.59
C ALA A 72 -0.11 -10.92 -36.71
N LYS A 73 0.19 -10.02 -35.76
CA LYS A 73 -0.40 -8.68 -35.75
C LYS A 73 0.27 -7.68 -36.69
N GLY A 74 1.45 -8.02 -37.19
CA GLY A 74 2.15 -7.12 -38.11
C GLY A 74 3.02 -6.08 -37.43
N LYS A 75 3.53 -6.43 -36.26
CA LYS A 75 4.40 -5.53 -35.49
C LYS A 75 5.79 -6.15 -35.36
N PRO A 76 6.81 -5.33 -35.05
CA PRO A 76 8.16 -5.85 -34.89
C PRO A 76 8.08 -7.04 -33.91
N PRO A 77 8.70 -8.18 -34.23
CA PRO A 77 8.69 -9.37 -33.37
C PRO A 77 9.06 -9.17 -31.91
N ILE A 78 10.12 -8.42 -31.64
CA ILE A 78 10.56 -8.20 -30.27
C ILE A 78 9.90 -6.97 -29.66
N GLY A 79 9.43 -7.10 -28.42
CA GLY A 79 8.78 -5.97 -27.77
C GLY A 79 9.80 -5.03 -27.17
N THR A 80 9.41 -3.77 -27.00
CA THR A 80 10.31 -2.78 -26.42
C THR A 80 9.74 -2.21 -25.13
N LEU A 81 10.55 -2.25 -24.09
CA LEU A 81 10.17 -1.72 -22.78
C LEU A 81 11.23 -0.70 -22.40
N ILE A 82 10.80 0.54 -22.17
CA ILE A 82 11.73 1.62 -21.84
C ILE A 82 11.50 2.22 -20.45
N LEU A 83 12.57 2.30 -19.66
CA LEU A 83 12.53 2.89 -18.34
C LEU A 83 13.48 4.09 -18.40
N SER A 84 12.96 5.28 -18.15
CA SER A 84 13.80 6.47 -18.21
C SER A 84 13.51 7.46 -17.10
N ALA A 85 14.51 8.30 -16.83
CA ALA A 85 14.41 9.35 -15.82
C ALA A 85 14.96 10.61 -16.46
N ARG A 86 14.40 11.77 -16.11
CA ARG A 86 14.85 13.03 -16.68
C ARG A 86 14.37 14.20 -15.83
N HIS A 87 14.87 15.38 -16.15
CA HIS A 87 14.46 16.58 -15.43
C HIS A 87 13.47 17.38 -16.24
N GLU A 88 12.44 17.86 -15.56
CA GLU A 88 11.41 18.69 -16.16
C GLU A 88 11.16 19.80 -15.14
N GLY A 89 11.84 20.92 -15.31
CA GLY A 89 11.68 22.02 -14.36
C GLY A 89 12.20 21.52 -13.03
N ASN A 90 11.41 21.67 -11.97
CA ASN A 90 11.84 21.20 -10.65
C ASN A 90 11.21 19.84 -10.34
N ASN A 91 11.09 19.00 -11.35
CA ASN A 91 10.53 17.67 -11.18
C ASN A 91 11.45 16.63 -11.83
N VAL A 92 11.52 15.45 -11.24
CA VAL A 92 12.26 14.35 -11.82
C VAL A 92 11.12 13.54 -12.44
N VAL A 93 11.24 13.22 -13.71
CA VAL A 93 10.18 12.48 -14.37
C VAL A 93 10.66 11.09 -14.75
N ILE A 94 9.94 10.08 -14.26
CA ILE A 94 10.29 8.70 -14.55
C ILE A 94 9.17 8.15 -15.42
N GLU A 95 9.54 7.49 -16.50
CA GLU A 95 8.56 6.93 -17.43
C GLU A 95 8.82 5.45 -17.74
N VAL A 96 7.74 4.68 -17.80
CA VAL A 96 7.82 3.25 -18.13
C VAL A 96 6.94 3.10 -19.37
N GLU A 97 7.56 2.88 -20.51
CA GLU A 97 6.79 2.74 -21.75
C GLU A 97 7.02 1.44 -22.50
N ASP A 98 5.93 0.84 -22.97
CA ASP A 98 6.02 -0.40 -23.74
C ASP A 98 5.28 -0.21 -25.05
N ASP A 99 5.62 -0.99 -26.07
CA ASP A 99 4.93 -0.86 -27.35
C ASP A 99 4.00 -2.06 -27.54
N GLY A 100 3.35 -2.44 -26.44
CA GLY A 100 2.44 -3.58 -26.43
C GLY A 100 1.06 -3.36 -27.03
N ARG A 101 0.12 -4.20 -26.59
CA ARG A 101 -1.24 -4.15 -27.08
C ARG A 101 -2.02 -2.96 -26.55
N GLY A 102 -1.50 -2.34 -25.51
CA GLY A 102 -2.15 -1.20 -24.92
C GLY A 102 -3.24 -1.58 -23.94
N ILE A 103 -3.58 -0.67 -23.03
CA ILE A 103 -4.63 -0.93 -22.05
C ILE A 103 -5.96 -1.09 -22.78
N ASP A 104 -6.67 -2.16 -22.45
CA ASP A 104 -7.98 -2.43 -23.05
C ASP A 104 -9.01 -1.52 -22.37
N LYS A 105 -9.29 -0.38 -23.01
CA LYS A 105 -10.23 0.59 -22.46
C LYS A 105 -11.66 0.11 -22.40
N GLU A 106 -12.08 -0.74 -23.33
CA GLU A 106 -13.46 -1.24 -23.30
C GLU A 106 -13.65 -2.12 -22.09
N LYS A 107 -12.63 -2.92 -21.76
CA LYS A 107 -12.69 -3.80 -20.62
C LYS A 107 -12.95 -3.01 -19.34
N ILE A 108 -12.31 -1.84 -19.23
CA ILE A 108 -12.50 -0.99 -18.07
C ILE A 108 -13.93 -0.48 -18.02
N ILE A 109 -14.43 -0.01 -19.18
CA ILE A 109 -15.78 0.50 -19.26
C ILE A 109 -16.80 -0.57 -18.82
N ARG A 110 -16.64 -1.77 -19.35
CA ARG A 110 -17.53 -2.88 -19.01
C ARG A 110 -17.48 -3.16 -17.50
N LYS A 111 -16.29 -3.12 -16.91
CA LYS A 111 -16.15 -3.35 -15.48
C LYS A 111 -16.84 -2.24 -14.67
N ALA A 112 -16.72 -1.00 -15.14
CA ALA A 112 -17.34 0.13 -14.44
C ALA A 112 -18.85 0.02 -14.48
N ILE A 113 -19.38 -0.48 -15.60
CA ILE A 113 -20.82 -0.65 -15.74
C ILE A 113 -21.30 -1.77 -14.84
N GLU A 114 -20.52 -2.84 -14.78
CA GLU A 114 -20.86 -3.98 -13.96
C GLU A 114 -20.93 -3.59 -12.48
N LYS A 115 -20.02 -2.72 -12.07
CA LYS A 115 -19.96 -2.26 -10.68
C LYS A 115 -21.01 -1.19 -10.39
N GLY A 116 -21.80 -0.83 -11.41
CA GLY A 116 -22.83 0.16 -11.22
C GLY A 116 -22.33 1.60 -11.09
N LEU A 117 -21.04 1.81 -11.37
CA LEU A 117 -20.45 3.14 -11.28
C LEU A 117 -21.01 4.10 -12.34
N ILE A 118 -21.29 3.57 -13.53
CA ILE A 118 -21.83 4.33 -14.64
C ILE A 118 -22.77 3.40 -15.41
N ASP A 119 -23.63 3.97 -16.25
CA ASP A 119 -24.52 3.14 -17.07
C ASP A 119 -23.99 3.22 -18.50
N GLU A 120 -24.68 2.58 -19.44
CA GLU A 120 -24.23 2.59 -20.83
C GLU A 120 -24.26 3.95 -21.51
N SER A 121 -25.27 4.76 -21.23
CA SER A 121 -25.36 6.10 -21.84
C SER A 121 -24.17 6.93 -21.40
N LYS A 122 -23.94 6.98 -20.09
CA LYS A 122 -22.82 7.73 -19.52
C LYS A 122 -21.48 7.19 -20.03
N ALA A 123 -21.32 5.87 -20.03
CA ALA A 123 -20.08 5.25 -20.48
C ALA A 123 -19.67 5.74 -21.86
N ALA A 124 -20.67 6.00 -22.72
CA ALA A 124 -20.39 6.47 -24.07
C ALA A 124 -19.88 7.90 -24.13
N THR A 125 -20.01 8.64 -23.03
CA THR A 125 -19.56 10.03 -23.00
C THR A 125 -18.18 10.22 -22.37
N LEU A 126 -17.65 9.18 -21.73
CA LEU A 126 -16.36 9.28 -21.06
C LEU A 126 -15.15 9.51 -21.97
N SER A 127 -14.17 10.26 -21.48
CA SER A 127 -12.96 10.52 -22.24
C SER A 127 -11.95 9.41 -21.93
N ASP A 128 -10.93 9.27 -22.76
CA ASP A 128 -9.93 8.23 -22.51
C ASP A 128 -9.28 8.37 -21.14
N GLN A 129 -8.87 9.59 -20.78
CA GLN A 129 -8.24 9.81 -19.49
C GLN A 129 -9.19 9.40 -18.36
N GLU A 130 -10.47 9.70 -18.55
CA GLU A 130 -11.50 9.38 -17.58
C GLU A 130 -11.61 7.86 -17.41
N ILE A 131 -11.50 7.13 -18.52
CA ILE A 131 -11.58 5.68 -18.48
C ILE A 131 -10.35 5.10 -17.80
N LEU A 132 -9.17 5.56 -18.22
CA LEU A 132 -7.93 5.07 -17.64
C LEU A 132 -7.82 5.30 -16.12
N ASN A 133 -8.37 6.41 -15.65
CA ASN A 133 -8.30 6.72 -14.22
C ASN A 133 -9.00 5.71 -13.33
N PHE A 134 -9.91 4.93 -13.90
CA PHE A 134 -10.61 3.92 -13.12
C PHE A 134 -9.58 2.93 -12.56
N LEU A 135 -8.45 2.80 -13.24
CA LEU A 135 -7.39 1.89 -12.83
C LEU A 135 -6.74 2.31 -11.50
N PHE A 136 -6.96 3.56 -11.10
CA PHE A 136 -6.39 4.06 -9.86
C PHE A 136 -7.39 4.04 -8.70
N VAL A 137 -8.65 3.74 -8.99
CA VAL A 137 -9.66 3.66 -7.95
C VAL A 137 -9.40 2.39 -7.14
N PRO A 138 -9.18 2.54 -5.83
CA PRO A 138 -8.92 1.35 -4.99
C PRO A 138 -10.01 0.29 -5.06
N GLY A 139 -9.59 -0.95 -5.32
CA GLY A 139 -10.53 -2.05 -5.39
C GLY A 139 -11.18 -2.27 -6.74
N PHE A 140 -10.87 -1.41 -7.71
CA PHE A 140 -11.45 -1.54 -9.04
C PHE A 140 -10.98 -2.81 -9.76
N SER A 141 -9.67 -3.03 -9.79
CA SER A 141 -9.10 -4.20 -10.45
C SER A 141 -9.02 -5.41 -9.53
N THR A 142 -9.36 -6.58 -10.07
CA THR A 142 -9.32 -7.82 -9.29
C THR A 142 -7.88 -8.18 -8.91
N LYS A 143 -7.73 -8.76 -7.72
CA LYS A 143 -6.42 -9.14 -7.21
C LYS A 143 -6.30 -10.66 -7.00
N GLU A 144 -5.40 -11.05 -6.10
CA GLU A 144 -5.17 -12.47 -5.81
C GLU A 144 -5.84 -12.94 -4.52
N GLY A 153 0.01 -5.28 -1.12
CA GLY A 153 -1.36 -5.38 -1.68
C GLY A 153 -1.41 -4.85 -3.10
N VAL A 154 -0.39 -5.23 -3.87
CA VAL A 154 -0.14 -4.84 -5.26
C VAL A 154 -1.24 -4.36 -6.21
N GLY A 155 -0.80 -3.64 -7.24
CA GLY A 155 -1.67 -3.07 -8.25
C GLY A 155 -1.42 -1.59 -8.51
N MET A 156 -2.17 -1.02 -9.46
CA MET A 156 -2.03 0.40 -9.80
C MET A 156 -2.27 1.25 -8.56
N ASP A 157 -3.12 0.74 -7.68
CA ASP A 157 -3.47 1.43 -6.44
C ASP A 157 -2.25 1.69 -5.60
N VAL A 158 -1.55 0.61 -5.26
CA VAL A 158 -0.36 0.68 -4.45
C VAL A 158 0.69 1.58 -5.08
N VAL A 159 0.76 1.58 -6.40
CA VAL A 159 1.74 2.41 -7.11
C VAL A 159 1.42 3.89 -6.87
N LYS A 160 0.17 4.26 -7.05
CA LYS A 160 -0.25 5.64 -6.86
C LYS A 160 -0.05 6.09 -5.41
N ASN A 161 -0.47 5.25 -4.46
CA ASN A 161 -0.33 5.59 -3.05
C ASN A 161 1.12 5.80 -2.65
N VAL A 162 2.01 4.88 -3.05
CA VAL A 162 3.41 5.03 -2.72
C VAL A 162 3.97 6.31 -3.36
N VAL A 163 3.67 6.52 -4.63
CA VAL A 163 4.17 7.70 -5.32
C VAL A 163 3.64 8.97 -4.65
N GLU A 164 2.38 8.97 -4.27
CA GLU A 164 1.80 10.15 -3.65
C GLU A 164 2.29 10.39 -2.22
N SER A 165 2.82 9.35 -1.56
CA SER A 165 3.32 9.49 -0.20
C SER A 165 4.67 10.21 -0.24
N LEU A 166 5.23 10.32 -1.45
CA LEU A 166 6.50 11.00 -1.69
C LEU A 166 6.15 12.37 -2.25
N ASN A 167 4.87 12.69 -2.24
CA ASN A 167 4.38 13.95 -2.79
C ASN A 167 4.61 13.96 -4.30
N GLY A 168 4.50 12.78 -4.88
CA GLY A 168 4.68 12.65 -6.32
C GLY A 168 3.32 12.56 -7.00
N SER A 169 3.32 12.43 -8.31
CA SER A 169 2.07 12.33 -9.07
C SER A 169 2.26 11.26 -10.14
N ILE A 170 1.18 10.63 -10.55
CA ILE A 170 1.29 9.59 -11.56
C ILE A 170 0.19 9.68 -12.60
N SER A 171 0.56 9.51 -13.86
CA SER A 171 -0.43 9.55 -14.93
C SER A 171 -0.22 8.40 -15.90
N ILE A 172 -1.26 8.11 -16.67
CA ILE A 172 -1.20 7.02 -17.64
C ILE A 172 -1.76 7.47 -18.98
N GLU A 173 -1.23 6.89 -20.04
CA GLU A 173 -1.73 7.15 -21.39
C GLU A 173 -1.47 5.88 -22.17
N SER A 174 -2.39 5.56 -23.08
CA SER A 174 -2.26 4.35 -23.87
C SER A 174 -3.09 4.39 -25.14
N GLU A 175 -2.63 3.68 -26.15
CA GLU A 175 -3.32 3.60 -27.43
C GLU A 175 -3.37 2.14 -27.86
N LYS A 176 -4.55 1.70 -28.29
CA LYS A 176 -4.77 0.33 -28.71
C LYS A 176 -3.69 -0.17 -29.67
N ASP A 177 -3.12 -1.32 -29.34
CA ASP A 177 -2.08 -1.96 -30.13
C ASP A 177 -0.82 -1.13 -30.32
N LYS A 178 -0.78 0.05 -29.73
CA LYS A 178 0.38 0.93 -29.83
C LYS A 178 1.28 0.76 -28.61
N GLY A 179 0.67 0.75 -27.43
CA GLY A 179 1.44 0.58 -26.23
C GLY A 179 0.92 1.40 -25.06
N THR A 180 1.67 1.41 -23.98
CA THR A 180 1.26 2.15 -22.79
C THR A 180 2.43 2.88 -22.15
N LYS A 181 2.15 4.07 -21.62
CA LYS A 181 3.19 4.85 -20.96
C LYS A 181 2.69 5.36 -19.61
N VAL A 182 3.42 4.99 -18.56
CA VAL A 182 3.09 5.43 -17.21
C VAL A 182 4.15 6.46 -16.84
N THR A 183 3.69 7.60 -16.35
CA THR A 183 4.58 8.70 -15.98
C THR A 183 4.50 9.05 -14.50
N ILE A 184 5.66 9.11 -13.86
CA ILE A 184 5.73 9.45 -12.44
C ILE A 184 6.55 10.74 -12.29
N ARG A 185 5.98 11.69 -11.56
CA ARG A 185 6.65 12.97 -11.30
C ARG A 185 7.04 13.02 -9.83
N LEU A 186 8.31 13.27 -9.56
CA LEU A 186 8.80 13.38 -8.20
C LEU A 186 9.30 14.81 -7.99
N PRO A 187 9.04 15.39 -6.80
CA PRO A 187 9.45 16.76 -6.50
C PRO A 187 10.92 16.94 -6.12
N LEU A 188 11.43 18.13 -6.41
CA LEU A 188 12.81 18.45 -6.07
C LEU A 188 12.83 18.68 -4.56
N THR A 189 13.79 18.06 -3.87
CA THR A 189 13.92 18.23 -2.44
C THR A 189 14.68 19.50 -2.16
N SER B 2 -23.45 -18.69 10.01
CA SER B 2 -24.26 -17.63 10.66
C SER B 2 -24.59 -16.46 9.71
N HIS B 3 -25.42 -15.52 10.17
CA HIS B 3 -25.80 -14.34 9.41
C HIS B 3 -24.61 -13.38 9.17
N MET B 4 -24.23 -13.22 7.90
CA MET B 4 -23.10 -12.37 7.53
C MET B 4 -23.47 -11.03 6.86
N VAL B 5 -22.55 -10.07 6.99
CA VAL B 5 -22.72 -8.74 6.38
C VAL B 5 -21.32 -8.23 6.02
N PRO B 6 -21.21 -7.45 4.95
CA PRO B 6 -19.88 -6.92 4.57
C PRO B 6 -19.29 -6.08 5.71
N ILE B 7 -17.99 -6.18 5.90
CA ILE B 7 -17.34 -5.45 6.99
C ILE B 7 -17.37 -3.93 6.78
N SER B 8 -17.90 -3.49 5.64
CA SER B 8 -18.00 -2.07 5.35
C SER B 8 -18.87 -1.38 6.39
N PHE B 9 -19.79 -2.12 6.99
CA PHE B 9 -20.68 -1.54 8.01
C PHE B 9 -19.84 -1.04 9.18
N VAL B 10 -18.67 -1.66 9.36
CA VAL B 10 -17.75 -1.26 10.41
C VAL B 10 -16.78 -0.20 9.88
N PHE B 11 -16.24 -0.44 8.68
CA PHE B 11 -15.25 0.45 8.06
C PHE B 11 -15.70 1.82 7.55
N ASN B 12 -16.91 1.90 7.01
CA ASN B 12 -17.42 3.15 6.44
C ASN B 12 -17.14 4.45 7.19
N ARG B 13 -17.27 4.45 8.50
CA ARG B 13 -17.05 5.67 9.27
C ARG B 13 -15.59 6.04 9.54
N PHE B 14 -14.66 5.12 9.27
CA PHE B 14 -13.26 5.40 9.57
C PHE B 14 -12.54 6.48 8.76
N PRO B 15 -12.71 6.51 7.42
CA PRO B 15 -12.04 7.55 6.63
C PRO B 15 -12.18 8.96 7.21
N ARG B 16 -13.40 9.34 7.57
CA ARG B 16 -13.66 10.67 8.14
C ARG B 16 -13.00 10.86 9.50
N MET B 17 -13.05 9.85 10.36
CA MET B 17 -12.45 9.97 11.68
C MET B 17 -10.93 10.04 11.57
N VAL B 18 -10.36 9.22 10.70
CA VAL B 18 -8.91 9.23 10.49
C VAL B 18 -8.45 10.60 9.97
N ARG B 19 -9.14 11.08 8.94
CA ARG B 19 -8.83 12.37 8.35
C ARG B 19 -8.89 13.50 9.37
N ASP B 20 -9.95 13.53 10.16
CA ASP B 20 -10.12 14.56 11.16
C ASP B 20 -9.11 14.49 12.30
N LEU B 21 -8.77 13.27 12.69
CA LEU B 21 -7.82 13.07 13.78
C LEU B 21 -6.42 13.49 13.33
N ALA B 22 -6.02 13.05 12.15
CA ALA B 22 -4.71 13.39 11.61
C ALA B 22 -4.58 14.91 11.53
N LYS B 23 -5.65 15.55 11.07
CA LYS B 23 -5.66 16.99 10.93
C LYS B 23 -5.53 17.67 12.30
N LYS B 24 -6.17 17.07 13.30
CA LYS B 24 -6.13 17.59 14.66
C LYS B 24 -4.75 17.49 15.30
N MET B 25 -4.10 16.36 15.12
CA MET B 25 -2.77 16.13 15.68
C MET B 25 -1.67 16.56 14.70
N ASN B 26 -2.09 17.28 13.67
CA ASN B 26 -1.18 17.78 12.65
C ASN B 26 -0.22 16.73 12.08
N LYS B 27 -0.78 15.64 11.56
CA LYS B 27 0.03 14.57 10.96
C LYS B 27 -0.44 14.41 9.52
N GLU B 28 0.48 14.09 8.62
CA GLU B 28 0.13 13.86 7.21
C GLU B 28 -0.06 12.35 7.10
N VAL B 29 -1.29 11.91 6.88
CA VAL B 29 -1.55 10.48 6.80
C VAL B 29 -2.41 10.06 5.61
N ASN B 30 -1.91 9.08 4.88
CA ASN B 30 -2.67 8.54 3.76
C ASN B 30 -3.30 7.24 4.29
N PHE B 31 -4.62 7.28 4.45
CA PHE B 31 -5.38 6.15 4.96
C PHE B 31 -5.85 5.23 3.85
N ILE B 32 -5.45 3.96 3.94
CA ILE B 32 -5.82 2.96 2.96
C ILE B 32 -6.69 1.86 3.57
N MET B 33 -7.87 1.64 3.01
CA MET B 33 -8.75 0.59 3.49
C MET B 33 -8.89 -0.45 2.39
N ARG B 34 -8.67 -1.72 2.73
CA ARG B 34 -8.78 -2.78 1.75
C ARG B 34 -9.74 -3.87 2.23
N GLY B 35 -10.44 -4.49 1.27
CA GLY B 35 -11.37 -5.57 1.59
C GLY B 35 -12.62 -5.21 2.36
N GLU B 36 -13.22 -4.05 2.10
CA GLU B 36 -14.44 -3.68 2.83
C GLU B 36 -15.64 -4.56 2.49
N ASP B 37 -15.48 -5.44 1.50
CA ASP B 37 -16.56 -6.35 1.11
C ASP B 37 -16.43 -7.68 1.84
N THR B 38 -15.32 -7.85 2.54
CA THR B 38 -15.08 -9.07 3.31
C THR B 38 -16.22 -9.20 4.32
N GLU B 39 -16.90 -10.34 4.35
CA GLU B 39 -18.00 -10.52 5.28
C GLU B 39 -17.61 -11.14 6.62
N LEU B 40 -18.41 -10.87 7.63
CA LEU B 40 -18.20 -11.39 8.96
C LEU B 40 -19.56 -11.47 9.64
N ASP B 41 -19.59 -12.16 10.77
CA ASP B 41 -20.79 -12.35 11.58
C ASP B 41 -21.38 -10.98 11.93
N ARG B 42 -22.67 -10.80 11.69
CA ARG B 42 -23.30 -9.52 11.99
C ARG B 42 -23.25 -9.15 13.47
N THR B 43 -23.13 -10.13 14.35
CA THR B 43 -23.06 -9.83 15.78
C THR B 43 -21.67 -9.33 16.19
N PHE B 44 -20.77 -9.21 15.22
CA PHE B 44 -19.40 -8.73 15.48
C PHE B 44 -19.29 -7.22 15.20
N VAL B 45 -20.14 -6.73 14.32
CA VAL B 45 -20.15 -5.33 13.91
C VAL B 45 -20.10 -4.30 15.02
N GLU B 46 -21.06 -4.37 15.94
CA GLU B 46 -21.13 -3.42 17.03
C GLU B 46 -19.93 -3.52 17.97
N GLU B 47 -19.53 -4.75 18.28
CA GLU B 47 -18.43 -5.01 19.20
C GLU B 47 -17.01 -4.70 18.70
N ILE B 48 -16.75 -4.94 17.43
CA ILE B 48 -15.41 -4.73 16.89
C ILE B 48 -15.10 -3.29 16.44
N GLY B 49 -16.12 -2.45 16.34
CA GLY B 49 -15.93 -1.09 15.91
C GLY B 49 -15.04 -0.21 16.78
N GLU B 50 -15.37 -0.10 18.06
CA GLU B 50 -14.57 0.72 18.97
C GLU B 50 -13.12 0.26 19.04
N PRO B 51 -12.89 -1.05 19.20
CA PRO B 51 -11.51 -1.55 19.25
C PRO B 51 -10.70 -1.15 18.02
N LEU B 52 -11.28 -1.31 16.84
CA LEU B 52 -10.59 -0.94 15.61
C LEU B 52 -10.31 0.56 15.57
N LEU B 53 -11.30 1.37 15.93
CA LEU B 53 -11.10 2.82 15.93
C LEU B 53 -9.93 3.15 16.86
N HIS B 54 -9.85 2.47 18.00
CA HIS B 54 -8.77 2.73 18.94
C HIS B 54 -7.41 2.44 18.30
N LEU B 55 -7.31 1.32 17.59
CA LEU B 55 -6.05 0.96 16.93
C LEU B 55 -5.67 2.01 15.89
N LEU B 56 -6.66 2.54 15.19
CA LEU B 56 -6.40 3.57 14.19
C LEU B 56 -5.93 4.84 14.86
N ARG B 57 -6.57 5.20 15.97
CA ARG B 57 -6.20 6.40 16.70
C ARG B 57 -4.77 6.25 17.22
N ASN B 58 -4.42 5.06 17.71
CA ASN B 58 -3.08 4.81 18.22
C ASN B 58 -2.05 5.05 17.13
N ALA B 59 -2.32 4.54 15.93
CA ALA B 59 -1.41 4.71 14.81
C ALA B 59 -1.18 6.17 14.48
N ILE B 60 -2.25 6.96 14.46
CA ILE B 60 -2.17 8.37 14.13
C ILE B 60 -1.51 9.19 15.25
N ASP B 61 -1.86 8.87 16.49
CA ASP B 61 -1.33 9.58 17.64
C ASP B 61 0.11 9.17 18.01
N HIS B 62 0.30 7.87 18.22
CA HIS B 62 1.59 7.35 18.63
C HIS B 62 2.52 6.83 17.54
N GLY B 63 1.96 6.39 16.43
CA GLY B 63 2.79 5.86 15.35
C GLY B 63 3.35 6.89 14.39
N ILE B 64 2.53 7.35 13.46
CA ILE B 64 2.95 8.31 12.46
C ILE B 64 3.60 9.55 13.07
N GLU B 65 4.85 9.81 12.67
CA GLU B 65 5.59 10.95 13.18
C GLU B 65 5.34 12.23 12.38
N PRO B 66 5.57 13.40 13.00
CA PRO B 66 5.36 14.68 12.32
C PRO B 66 6.25 14.74 11.08
N LYS B 67 5.84 15.52 10.10
CA LYS B 67 6.58 15.65 8.85
C LYS B 67 8.10 15.77 8.99
N GLU B 68 8.57 16.76 9.74
CA GLU B 68 10.01 16.95 9.91
C GLU B 68 10.71 15.72 10.48
N GLU B 69 10.01 14.93 11.29
CA GLU B 69 10.58 13.72 11.85
C GLU B 69 10.71 12.66 10.77
N ARG B 70 9.67 12.53 9.94
CA ARG B 70 9.65 11.56 8.84
C ARG B 70 10.85 11.85 7.93
N ILE B 71 11.04 13.12 7.62
CA ILE B 71 12.12 13.55 6.75
C ILE B 71 13.49 13.26 7.36
N ALA B 72 13.65 13.61 8.63
CA ALA B 72 14.92 13.38 9.30
C ALA B 72 15.30 11.90 9.21
N LYS B 73 14.31 11.03 9.35
CA LYS B 73 14.53 9.58 9.30
C LYS B 73 14.65 8.99 7.89
N GLY B 74 14.48 9.82 6.87
CA GLY B 74 14.56 9.32 5.51
C GLY B 74 13.39 8.43 5.15
N LYS B 75 12.19 8.85 5.53
CA LYS B 75 10.98 8.09 5.26
C LYS B 75 10.08 8.95 4.37
N PRO B 76 9.11 8.34 3.67
CA PRO B 76 8.23 9.16 2.82
C PRO B 76 7.60 10.21 3.73
N PRO B 77 7.51 11.46 3.26
CA PRO B 77 6.93 12.55 4.05
C PRO B 77 5.58 12.20 4.67
N ILE B 78 4.72 11.58 3.88
CA ILE B 78 3.38 11.21 4.33
C ILE B 78 3.36 9.80 4.92
N GLY B 79 2.82 9.68 6.13
CA GLY B 79 2.74 8.38 6.77
C GLY B 79 1.64 7.57 6.10
N THR B 80 1.70 6.25 6.25
CA THR B 80 0.69 5.38 5.64
C THR B 80 0.01 4.52 6.69
N LEU B 81 -1.32 4.60 6.75
CA LEU B 81 -2.11 3.82 7.70
C LEU B 81 -2.96 2.89 6.85
N ILE B 82 -2.80 1.59 7.02
CA ILE B 82 -3.56 0.63 6.22
C ILE B 82 -4.49 -0.24 7.06
N LEU B 83 -5.78 -0.24 6.71
CA LEU B 83 -6.78 -1.06 7.40
C LEU B 83 -7.26 -2.06 6.36
N SER B 84 -7.08 -3.34 6.63
CA SER B 84 -7.50 -4.35 5.67
C SER B 84 -8.23 -5.51 6.33
N ALA B 85 -9.07 -6.18 5.54
CA ALA B 85 -9.82 -7.33 6.02
C ALA B 85 -9.82 -8.35 4.90
N ARG B 86 -9.82 -9.64 5.26
CA ARG B 86 -9.84 -10.70 4.26
C ARG B 86 -10.26 -12.02 4.92
N HIS B 87 -10.54 -13.02 4.10
CA HIS B 87 -10.90 -14.34 4.60
C HIS B 87 -9.71 -15.28 4.43
N GLU B 88 -9.36 -15.97 5.50
CA GLU B 88 -8.28 -16.95 5.46
C GLU B 88 -8.79 -18.13 6.25
N GLY B 89 -8.81 -19.30 5.61
CA GLY B 89 -9.32 -20.47 6.27
C GLY B 89 -10.77 -20.16 6.64
N ASN B 90 -11.15 -20.51 7.86
CA ASN B 90 -12.51 -20.25 8.31
C ASN B 90 -12.55 -19.04 9.25
N ASN B 91 -11.72 -18.05 8.95
CA ASN B 91 -11.67 -16.83 9.77
C ASN B 91 -11.62 -15.56 8.97
N VAL B 92 -11.87 -14.45 9.66
CA VAL B 92 -11.80 -13.13 9.06
C VAL B 92 -10.55 -12.52 9.68
N VAL B 93 -9.63 -12.08 8.83
CA VAL B 93 -8.39 -11.48 9.30
C VAL B 93 -8.44 -9.97 9.05
N ILE B 94 -8.20 -9.20 10.11
CA ILE B 94 -8.21 -7.75 10.02
C ILE B 94 -6.86 -7.23 10.49
N GLU B 95 -6.25 -6.36 9.70
CA GLU B 95 -4.96 -5.80 10.05
C GLU B 95 -4.94 -4.28 10.07
N VAL B 96 -4.21 -3.72 11.04
CA VAL B 96 -4.05 -2.26 11.18
C VAL B 96 -2.54 -2.04 11.19
N GLU B 97 -2.02 -1.45 10.12
CA GLU B 97 -0.60 -1.21 9.99
C GLU B 97 -0.23 0.23 9.67
N ASP B 98 0.83 0.70 10.32
CA ASP B 98 1.33 2.04 10.07
C ASP B 98 2.84 1.96 9.90
N ASP B 99 3.41 2.91 9.19
CA ASP B 99 4.85 2.93 8.99
C ASP B 99 5.44 4.06 9.85
N GLY B 100 5.00 4.12 11.10
CA GLY B 100 5.46 5.14 12.02
C GLY B 100 6.73 4.78 12.79
N ARG B 101 6.90 5.35 13.98
CA ARG B 101 8.12 5.08 14.76
C ARG B 101 8.16 3.79 15.57
N GLY B 102 7.08 3.01 15.55
CA GLY B 102 7.06 1.76 16.29
C GLY B 102 6.74 1.97 17.77
N ILE B 103 6.36 0.89 18.44
CA ILE B 103 6.03 0.94 19.85
C ILE B 103 7.29 1.10 20.68
N ASP B 104 7.25 2.05 21.62
CA ASP B 104 8.39 2.30 22.48
C ASP B 104 8.47 1.16 23.49
N LYS B 105 9.26 0.15 23.17
CA LYS B 105 9.41 -1.02 24.02
C LYS B 105 10.04 -0.70 25.36
N GLU B 106 10.94 0.27 25.36
CA GLU B 106 11.62 0.68 26.59
C GLU B 106 10.57 1.25 27.55
N LYS B 107 9.64 2.03 26.99
CA LYS B 107 8.56 2.62 27.77
C LYS B 107 7.62 1.53 28.34
N ILE B 108 7.37 0.49 27.56
CA ILE B 108 6.49 -0.58 28.03
C ILE B 108 7.09 -1.31 29.22
N ILE B 109 8.38 -1.63 29.14
CA ILE B 109 9.05 -2.33 30.24
C ILE B 109 9.05 -1.48 31.51
N ARG B 110 9.25 -0.18 31.35
CA ARG B 110 9.25 0.72 32.51
C ARG B 110 7.86 0.68 33.14
N LYS B 111 6.83 0.66 32.31
CA LYS B 111 5.46 0.64 32.82
C LYS B 111 5.16 -0.70 33.50
N ALA B 112 5.60 -1.78 32.87
CA ALA B 112 5.39 -3.10 33.44
C ALA B 112 6.00 -3.19 34.84
N ILE B 113 7.17 -2.60 35.02
CA ILE B 113 7.84 -2.62 36.32
C ILE B 113 7.04 -1.78 37.30
N GLU B 114 6.66 -0.59 36.87
CA GLU B 114 5.87 0.33 37.71
C GLU B 114 4.59 -0.35 38.20
N LYS B 115 3.98 -1.16 37.33
CA LYS B 115 2.74 -1.84 37.66
C LYS B 115 2.92 -3.16 38.38
N GLY B 116 4.13 -3.43 38.84
CA GLY B 116 4.40 -4.65 39.57
C GLY B 116 4.24 -5.93 38.77
N LEU B 117 4.14 -5.82 37.46
CA LEU B 117 3.96 -6.98 36.58
C LEU B 117 5.26 -7.73 36.35
N ILE B 118 6.37 -7.02 36.51
CA ILE B 118 7.66 -7.61 36.29
C ILE B 118 8.70 -6.92 37.17
N ASP B 119 9.67 -7.70 37.64
CA ASP B 119 10.74 -7.19 38.47
C ASP B 119 11.78 -6.66 37.48
N GLU B 120 12.52 -5.62 37.85
CA GLU B 120 13.50 -5.09 36.91
C GLU B 120 14.60 -6.10 36.55
N SER B 121 14.91 -7.01 37.46
CA SER B 121 15.94 -8.01 37.22
C SER B 121 15.57 -8.95 36.05
N LYS B 122 14.31 -8.93 35.64
CA LYS B 122 13.85 -9.79 34.55
C LYS B 122 13.67 -9.04 33.22
N ALA B 123 13.84 -7.73 33.24
CA ALA B 123 13.65 -6.92 32.04
C ALA B 123 14.73 -7.05 30.97
N ALA B 124 15.99 -7.23 31.39
CA ALA B 124 17.07 -7.32 30.42
C ALA B 124 16.93 -8.41 29.37
N THR B 125 16.38 -9.57 29.76
CA THR B 125 16.25 -10.68 28.82
C THR B 125 14.90 -10.89 28.15
N LEU B 126 13.93 -10.04 28.45
CA LEU B 126 12.61 -10.16 27.85
C LEU B 126 12.71 -10.17 26.32
N SER B 127 11.90 -11.02 25.68
CA SER B 127 11.87 -11.09 24.23
C SER B 127 10.95 -9.96 23.75
N ASP B 128 10.99 -9.65 22.46
CA ASP B 128 10.11 -8.60 21.95
C ASP B 128 8.65 -8.98 22.16
N GLN B 129 8.33 -10.24 21.93
CA GLN B 129 6.96 -10.71 22.11
C GLN B 129 6.54 -10.61 23.56
N GLU B 130 7.44 -10.97 24.47
CA GLU B 130 7.16 -10.90 25.89
C GLU B 130 6.85 -9.46 26.27
N ILE B 131 7.58 -8.52 25.66
CA ILE B 131 7.40 -7.10 25.95
C ILE B 131 6.05 -6.60 25.43
N LEU B 132 5.80 -6.82 24.14
CA LEU B 132 4.55 -6.39 23.54
C LEU B 132 3.33 -7.00 24.22
N ASN B 133 3.45 -8.24 24.69
CA ASN B 133 2.34 -8.90 25.37
C ASN B 133 1.88 -8.20 26.63
N PHE B 134 2.72 -7.34 27.22
CA PHE B 134 2.33 -6.61 28.42
C PHE B 134 1.14 -5.72 28.09
N LEU B 135 1.06 -5.30 26.83
CA LEU B 135 -0.03 -4.45 26.37
C LEU B 135 -1.39 -5.12 26.50
N PHE B 136 -1.41 -6.44 26.57
CA PHE B 136 -2.66 -7.19 26.68
C PHE B 136 -3.06 -7.50 28.13
N VAL B 137 -2.20 -7.14 29.07
CA VAL B 137 -2.48 -7.36 30.48
C VAL B 137 -3.56 -6.41 30.96
N PRO B 138 -4.68 -6.93 31.46
CA PRO B 138 -5.75 -6.04 31.93
C PRO B 138 -5.27 -5.00 32.92
N GLY B 139 -5.67 -3.76 32.69
CA GLY B 139 -5.28 -2.66 33.55
C GLY B 139 -3.94 -2.06 33.17
N PHE B 140 -3.30 -2.60 32.13
CA PHE B 140 -2.00 -2.06 31.73
C PHE B 140 -2.14 -0.64 31.21
N SER B 141 -3.17 -0.41 30.38
CA SER B 141 -3.37 0.91 29.81
C SER B 141 -3.83 1.89 30.89
N THR B 142 -3.51 3.17 30.68
CA THR B 142 -3.88 4.22 31.62
C THR B 142 -5.39 4.42 31.65
N VAL B 154 -10.63 3.16 26.63
CA VAL B 154 -10.25 1.90 25.92
C VAL B 154 -8.75 1.88 25.65
N GLY B 155 -8.13 0.75 25.97
CA GLY B 155 -6.71 0.58 25.73
C GLY B 155 -6.50 -0.75 25.02
N MET B 156 -5.24 -1.08 24.76
CA MET B 156 -4.92 -2.33 24.08
C MET B 156 -5.43 -3.52 24.89
N ASP B 157 -5.39 -3.43 26.22
CA ASP B 157 -5.87 -4.51 27.07
C ASP B 157 -7.36 -4.76 26.83
N VAL B 158 -8.10 -3.68 26.60
CA VAL B 158 -9.53 -3.78 26.34
C VAL B 158 -9.72 -4.36 24.93
N VAL B 159 -8.87 -3.96 23.99
CA VAL B 159 -8.97 -4.50 22.63
C VAL B 159 -8.84 -6.04 22.67
N LYS B 160 -7.82 -6.51 23.39
CA LYS B 160 -7.56 -7.94 23.50
C LYS B 160 -8.74 -8.64 24.17
N ASN B 161 -9.30 -8.00 25.20
CA ASN B 161 -10.43 -8.59 25.89
C ASN B 161 -11.62 -8.78 24.94
N VAL B 162 -11.94 -7.73 24.18
CA VAL B 162 -13.04 -7.79 23.23
C VAL B 162 -12.80 -8.88 22.16
N VAL B 163 -11.59 -8.92 21.60
CA VAL B 163 -11.27 -9.94 20.60
C VAL B 163 -11.45 -11.35 21.20
N GLU B 164 -10.98 -11.53 22.44
CA GLU B 164 -11.12 -12.83 23.10
C GLU B 164 -12.60 -13.12 23.29
N SER B 165 -13.36 -12.06 23.57
CA SER B 165 -14.80 -12.16 23.77
C SER B 165 -15.51 -12.69 22.53
N LEU B 166 -14.86 -12.51 21.38
CA LEU B 166 -15.41 -12.96 20.10
C LEU B 166 -14.81 -14.31 19.68
N ASN B 167 -14.13 -14.94 20.63
CA ASN B 167 -13.48 -16.24 20.41
C ASN B 167 -12.40 -16.14 19.32
N GLY B 168 -11.74 -14.99 19.24
CA GLY B 168 -10.70 -14.81 18.25
C GLY B 168 -9.36 -14.55 18.91
N SER B 169 -8.36 -14.16 18.12
CA SER B 169 -7.05 -13.89 18.67
C SER B 169 -6.45 -12.61 18.07
N ILE B 170 -5.44 -12.08 18.75
CA ILE B 170 -4.80 -10.87 18.30
C ILE B 170 -3.29 -10.94 18.50
N SER B 171 -2.54 -10.33 17.58
CA SER B 171 -1.10 -10.31 17.72
C SER B 171 -0.55 -8.97 17.28
N ILE B 172 0.61 -8.62 17.83
CA ILE B 172 1.25 -7.36 17.50
C ILE B 172 2.67 -7.59 17.02
N GLU B 173 3.09 -6.74 16.10
CA GLU B 173 4.41 -6.80 15.51
C GLU B 173 4.85 -5.34 15.41
N SER B 174 6.08 -5.05 15.82
CA SER B 174 6.55 -3.67 15.76
C SER B 174 8.07 -3.58 15.76
N GLU B 175 8.59 -2.65 14.96
CA GLU B 175 10.03 -2.44 14.85
C GLU B 175 10.31 -0.94 14.92
N LYS B 176 11.24 -0.56 15.80
CA LYS B 176 11.60 0.83 15.99
C LYS B 176 11.79 1.60 14.69
N ASP B 177 11.15 2.76 14.61
CA ASP B 177 11.22 3.61 13.43
C ASP B 177 10.70 2.97 12.14
N LYS B 178 10.28 1.72 12.22
CA LYS B 178 9.75 1.04 11.03
C LYS B 178 8.23 1.06 10.99
N GLY B 179 7.61 0.71 12.11
CA GLY B 179 6.15 0.71 12.13
C GLY B 179 5.56 -0.29 13.08
N THR B 180 4.23 -0.40 13.02
CA THR B 180 3.49 -1.31 13.88
C THR B 180 2.36 -1.94 13.10
N LYS B 181 2.14 -3.23 13.34
CA LYS B 181 1.09 -3.97 12.68
C LYS B 181 0.34 -4.81 13.72
N VAL B 182 -0.97 -4.58 13.81
CA VAL B 182 -1.81 -5.32 14.75
C VAL B 182 -2.72 -6.20 13.89
N THR B 183 -2.72 -7.51 14.18
CA THR B 183 -3.54 -8.44 13.43
C THR B 183 -4.59 -9.11 14.30
N ILE B 184 -5.82 -9.07 13.82
CA ILE B 184 -6.91 -9.68 14.55
C ILE B 184 -7.54 -10.78 13.68
N ARG B 185 -7.73 -11.95 14.26
CA ARG B 185 -8.32 -13.07 13.54
C ARG B 185 -9.57 -13.50 14.30
N LEU B 186 -10.73 -13.38 13.65
CA LEU B 186 -12.01 -13.74 14.25
C LEU B 186 -12.60 -14.96 13.54
N PRO B 187 -13.26 -15.86 14.27
CA PRO B 187 -13.86 -17.07 13.67
C PRO B 187 -15.09 -16.73 12.83
N LEU B 188 -15.22 -17.39 11.67
CA LEU B 188 -16.35 -17.16 10.77
C LEU B 188 -17.68 -17.70 11.27
N THR B 189 -17.91 -18.99 11.02
CA THR B 189 -19.16 -19.63 11.44
C THR B 189 -19.43 -19.48 12.93
MN MN C . -0.28 -5.51 -11.72
PG ACP D . -2.05 -7.28 -9.62
O1G ACP D . -2.66 -7.57 -8.26
O2G ACP D . -1.65 -5.84 -9.74
O3G ACP D . -1.00 -8.29 -10.08
PB ACP D . -3.14 -6.58 -12.06
O1B ACP D . -4.30 -6.96 -12.92
O2B ACP D . -1.91 -6.48 -12.83
C3B ACP D . -3.18 -7.66 -10.85
PA ACP D . -3.01 -3.49 -11.97
O1A ACP D . -1.49 -3.40 -11.89
O2A ACP D . -3.73 -2.53 -11.07
O3A ACP D . -3.50 -4.99 -11.69
O5' ACP D . -3.25 -3.44 -13.56
C5' ACP D . -4.64 -3.52 -13.92
C4' ACP D . -5.28 -3.52 -15.35
O4' ACP D . -4.65 -2.56 -16.16
C3' ACP D . -4.62 -4.80 -15.78
O3' ACP D . -5.34 -5.91 -15.28
C2' ACP D . -4.55 -4.64 -17.30
O2' ACP D . -5.81 -4.95 -17.84
C1' ACP D . -4.21 -3.19 -17.36
N9 ACP D . -2.75 -2.77 -17.58
C8 ACP D . -1.82 -2.32 -16.72
N7 ACP D . -0.63 -2.03 -17.24
C5 ACP D . -0.80 -2.34 -18.50
C6 ACP D . 0.04 -2.32 -19.65
N6 ACP D . 1.34 -1.89 -19.58
N1 ACP D . -0.45 -2.72 -20.89
C2 ACP D . -1.73 -3.15 -21.00
N3 ACP D . -2.60 -3.21 -19.96
C4 ACP D . -2.11 -2.82 -18.77
MN MN E . -3.97 4.28 23.32
PG ACP F . -4.52 6.47 25.06
O1G ACP F . -3.15 6.97 24.59
O2G ACP F . -5.02 7.33 26.18
O3G ACP F . -5.51 6.14 23.96
PB ACP F . -2.94 4.24 25.60
O1B ACP F . -2.37 4.58 26.95
O2B ACP F . -2.04 4.67 24.52
C3B ACP F . -4.43 4.85 25.66
PA ACP F . -2.66 1.33 24.59
O1A ACP F . -3.64 1.46 23.44
O2A ACP F . -2.84 0.09 25.40
O3A ACP F . -2.74 2.59 25.56
O5' ACP F . -1.27 1.63 23.85
C5' ACP F . -0.12 1.57 24.73
C4' ACP F . 1.35 2.00 24.41
O4' ACP F . 1.74 1.50 23.17
C3' ACP F . 0.98 3.43 24.11
O3' ACP F . 1.01 4.16 25.32
C2' ACP F . 1.95 3.85 23.00
O2' ACP F . 3.13 4.34 23.61
C1' ACP F . 2.12 2.56 22.32
N9 ACP F . 1.45 2.31 20.99
C8 ACP F . 0.25 1.74 20.67
N7 ACP F . -0.03 1.68 19.38
C5 ACP F . 1.06 2.25 18.83
C6 ACP F . 1.46 2.52 17.49
N6 ACP F . 0.68 2.19 16.43
N1 ACP F . 2.67 3.14 17.23
C2 ACP F . 3.49 3.48 18.27
N3 ACP F . 3.18 3.25 19.57
C4 ACP F . 1.99 2.65 19.79
#